data_5TZL
#
_entry.id   5TZL
#
_cell.length_a   43.265
_cell.length_b   85.467
_cell.length_c   64.285
_cell.angle_alpha   90.00
_cell.angle_beta   90.00
_cell.angle_gamma   90.00
#
_symmetry.space_group_name_H-M   'P 21 21 2'
#
loop_
_entity.id
_entity.type
_entity.pdbx_description
1 polymer Transthyretin
2 non-polymer 4-(7-chloro-1,3-benzoxazol-2-yl)-2,6-diiodophenol
3 water water
#
_entity_poly.entity_id   1
_entity_poly.type   'polypeptide(L)'
_entity_poly.pdbx_seq_one_letter_code
;GPTGTGESK(OCS)PLMVKVLDAVRGSPAINVAVHVFRKAADDTWEPFASGKTSESGELHGLTTEEEFVEGIYKVEIDTK
SYWKALGISPFHEHAEVVFTANDSGPRRYTIAALLSPYSYSTTAVVTNPKE
;
_entity_poly.pdbx_strand_id   A,B
#
loop_
_chem_comp.id
_chem_comp.type
_chem_comp.name
_chem_comp.formula
IIH non-polymer 4-(7-chloro-1,3-benzoxazol-2-yl)-2,6-diiodophenol 'C13 H6 Cl I2 N O2'
#
# COMPACT_ATOMS: atom_id res chain seq x y z
N OCS A 10 -15.47 -3.39 -18.60
CA OCS A 10 -14.26 -3.71 -17.77
CB OCS A 10 -12.95 -3.16 -18.40
SG OCS A 10 -11.49 -3.82 -17.76
C OCS A 10 -14.44 -3.19 -16.38
O OCS A 10 -14.45 -2.02 -16.15
OD1 OCS A 10 -10.41 -3.19 -18.55
OD2 OCS A 10 -11.57 -5.42 -17.93
OD3 OCS A 10 -11.49 -3.38 -16.41
N PRO A 11 -14.54 -4.07 -15.38
CA PRO A 11 -14.83 -3.61 -14.07
C PRO A 11 -13.66 -3.31 -13.16
N LEU A 12 -12.46 -3.69 -13.57
CA LEU A 12 -11.28 -3.53 -12.71
C LEU A 12 -10.12 -3.27 -13.63
N MET A 13 -9.57 -2.08 -13.55
CA MET A 13 -8.43 -1.70 -14.36
C MET A 13 -7.43 -0.97 -13.49
N VAL A 14 -6.15 -1.06 -13.90
CA VAL A 14 -5.06 -0.47 -13.15
C VAL A 14 -4.27 0.46 -14.08
N LYS A 15 -3.85 1.60 -13.53
CA LYS A 15 -2.99 2.54 -14.31
C LYS A 15 -1.86 2.95 -13.42
N VAL A 16 -0.64 2.85 -13.97
CA VAL A 16 0.58 3.11 -13.21
C VAL A 16 1.39 4.17 -13.97
N LEU A 17 1.81 5.20 -13.24
CA LEU A 17 2.59 6.30 -13.75
C LEU A 17 3.91 6.38 -13.00
N ASP A 18 4.93 6.93 -13.69
CA ASP A 18 6.28 7.13 -13.15
C ASP A 18 6.56 8.61 -12.92
N ALA A 19 6.75 8.96 -11.68
CA ALA A 19 6.96 10.33 -11.24
C ALA A 19 8.36 10.84 -11.39
N VAL A 20 9.30 9.95 -11.81
CA VAL A 20 10.68 10.35 -12.11
C VAL A 20 10.79 10.78 -13.56
N ARG A 21 10.30 9.95 -14.47
CA ARG A 21 10.39 10.17 -15.88
C ARG A 21 9.24 10.95 -16.48
N GLY A 22 8.12 11.06 -15.77
CA GLY A 22 6.96 11.76 -16.30
C GLY A 22 6.35 11.00 -17.47
N SER A 23 6.07 9.70 -17.20
CA SER A 23 5.63 8.79 -18.26
C SER A 23 4.73 7.72 -17.63
N PRO A 24 4.06 6.98 -18.48
CA PRO A 24 3.49 5.73 -17.99
C PRO A 24 4.59 4.84 -17.43
N ALA A 25 4.21 3.97 -16.51
CA ALA A 25 5.07 2.91 -16.01
C ALA A 25 4.71 1.66 -16.76
N ILE A 26 5.57 1.29 -17.73
CA ILE A 26 5.33 0.22 -18.67
CA ILE A 26 5.30 0.22 -18.65
C ILE A 26 5.87 -1.12 -18.13
N ASN A 27 5.18 -2.19 -18.46
CA ASN A 27 5.68 -3.55 -18.12
CA ASN A 27 5.60 -3.61 -18.15
C ASN A 27 5.72 -3.83 -16.64
N VAL A 28 4.80 -3.22 -15.88
CA VAL A 28 4.73 -3.40 -14.45
C VAL A 28 3.81 -4.64 -14.20
N ALA A 29 4.34 -5.63 -13.46
CA ALA A 29 3.52 -6.75 -13.12
C ALA A 29 2.54 -6.39 -12.00
N VAL A 30 1.35 -6.92 -12.14
CA VAL A 30 0.27 -6.73 -11.22
C VAL A 30 -0.42 -8.08 -10.94
N HIS A 31 -0.58 -8.37 -9.65
CA HIS A 31 -1.30 -9.59 -9.21
C HIS A 31 -2.50 -9.19 -8.34
N VAL A 32 -3.64 -9.74 -8.66
CA VAL A 32 -4.85 -9.52 -7.93
C VAL A 32 -5.25 -10.81 -7.18
N PHE A 33 -5.63 -10.63 -5.93
CA PHE A 33 -6.07 -11.69 -5.04
C PHE A 33 -7.40 -11.34 -4.42
N ARG A 34 -8.15 -12.35 -4.03
CA ARG A 34 -9.46 -12.21 -3.40
C ARG A 34 -9.43 -12.97 -2.13
N LYS A 35 -9.88 -12.36 -1.07
CA LYS A 35 -9.97 -13.05 0.20
C LYS A 35 -11.05 -14.14 0.25
N ALA A 36 -10.60 -15.36 0.55
CA ALA A 36 -11.49 -16.55 0.58
C ALA A 36 -12.29 -16.66 1.89
N ALA A 37 -13.29 -17.62 1.94
CA ALA A 37 -14.22 -17.84 3.06
C ALA A 37 -13.35 -18.27 4.24
N ASP A 38 -12.22 -18.91 3.93
CA ASP A 38 -11.32 -19.40 4.98
C ASP A 38 -10.27 -18.37 5.38
N ASP A 39 -10.41 -17.16 4.85
CA ASP A 39 -9.59 -16.00 5.22
C ASP A 39 -8.18 -16.04 4.70
N THR A 40 -7.94 -16.84 3.67
CA THR A 40 -6.66 -16.74 2.95
C THR A 40 -6.80 -15.85 1.68
N TRP A 41 -5.67 -15.40 1.10
CA TRP A 41 -5.69 -14.75 -0.25
C TRP A 41 -5.58 -15.74 -1.40
N GLU A 42 -6.60 -15.77 -2.22
CA GLU A 42 -6.66 -16.66 -3.36
C GLU A 42 -6.25 -15.86 -4.60
N PRO A 43 -5.45 -16.45 -5.49
CA PRO A 43 -5.20 -15.82 -6.77
C PRO A 43 -6.49 -15.56 -7.52
N PHE A 44 -6.54 -14.36 -8.12
CA PHE A 44 -7.72 -13.91 -8.85
C PHE A 44 -7.45 -13.56 -10.32
N ALA A 45 -6.41 -12.78 -10.54
CA ALA A 45 -6.02 -12.44 -11.85
C ALA A 45 -4.66 -11.74 -11.83
N SER A 46 -3.97 -11.73 -13.00
CA SER A 46 -2.75 -11.02 -13.07
C SER A 46 -2.49 -10.54 -14.52
N GLY A 47 -1.54 -9.60 -14.62
CA GLY A 47 -1.16 -9.09 -15.94
C GLY A 47 -0.02 -8.08 -15.77
N LYS A 48 0.26 -7.39 -16.87
CA LYS A 48 1.31 -6.39 -16.87
C LYS A 48 0.77 -5.13 -17.54
N THR A 49 1.28 -4.00 -17.07
CA THR A 49 0.85 -2.74 -17.74
C THR A 49 1.42 -2.59 -19.17
N SER A 50 0.61 -1.99 -20.01
CA SER A 50 0.91 -1.75 -21.41
C SER A 50 1.83 -0.50 -21.56
N GLU A 51 2.03 -0.14 -22.83
CA GLU A 51 2.78 1.05 -23.17
C GLU A 51 2.13 2.34 -22.63
N SER A 52 0.84 2.30 -22.38
CA SER A 52 0.11 3.43 -21.79
C SER A 52 0.07 3.42 -20.27
N GLY A 53 0.71 2.42 -19.66
CA GLY A 53 0.69 2.26 -18.24
C GLY A 53 -0.58 1.61 -17.70
N GLU A 54 -1.41 1.07 -18.61
CA GLU A 54 -2.71 0.58 -18.23
C GLU A 54 -2.78 -0.93 -18.32
N LEU A 55 -3.59 -1.52 -17.44
CA LEU A 55 -3.83 -2.96 -17.47
C LEU A 55 -5.33 -3.12 -17.45
N HIS A 56 -5.82 -3.70 -18.51
CA HIS A 56 -7.23 -3.96 -18.76
C HIS A 56 -7.43 -5.47 -18.87
N GLY A 57 -8.68 -5.88 -18.83
CA GLY A 57 -8.98 -7.29 -19.11
C GLY A 57 -8.64 -8.31 -18.02
N LEU A 58 -8.48 -7.84 -16.80
CA LEU A 58 -8.19 -8.72 -15.68
C LEU A 58 -9.34 -9.69 -15.37
N THR A 59 -10.57 -9.19 -15.40
CA THR A 59 -11.74 -9.94 -15.04
C THR A 59 -12.95 -9.53 -15.82
N THR A 60 -14.11 -10.08 -15.42
CA THR A 60 -15.40 -9.82 -16.07
C THR A 60 -16.34 -9.43 -14.98
N GLU A 61 -17.43 -8.80 -15.41
CA GLU A 61 -18.49 -8.44 -14.48
C GLU A 61 -19.03 -9.71 -13.73
N GLU A 62 -19.19 -10.85 -14.41
CA GLU A 62 -19.71 -12.06 -13.79
C GLU A 62 -18.76 -12.58 -12.72
N GLU A 63 -17.46 -12.55 -13.00
CA GLU A 63 -16.49 -13.13 -12.10
C GLU A 63 -16.14 -12.25 -10.92
N PHE A 64 -16.27 -10.94 -11.10
CA PHE A 64 -15.88 -9.94 -10.13
C PHE A 64 -17.02 -9.71 -9.16
N VAL A 65 -17.20 -10.71 -8.28
CA VAL A 65 -18.31 -10.67 -7.32
C VAL A 65 -17.87 -9.82 -6.09
N GLU A 66 -18.77 -9.62 -5.14
CA GLU A 66 -18.41 -8.95 -3.93
C GLU A 66 -17.26 -9.66 -3.29
N GLY A 67 -16.42 -8.92 -2.58
CA GLY A 67 -15.34 -9.50 -1.83
C GLY A 67 -14.31 -8.46 -1.45
N ILE A 68 -13.28 -8.86 -0.74
CA ILE A 68 -12.11 -8.09 -0.40
C ILE A 68 -11.02 -8.50 -1.36
N TYR A 69 -10.54 -7.54 -2.14
CA TYR A 69 -9.52 -7.68 -3.15
C TYR A 69 -8.24 -6.98 -2.81
N LYS A 70 -7.12 -7.59 -3.20
CA LYS A 70 -5.79 -7.03 -3.06
C LYS A 70 -5.17 -6.93 -4.42
N VAL A 71 -4.79 -5.71 -4.78
CA VAL A 71 -4.02 -5.47 -6.00
C VAL A 71 -2.60 -5.20 -5.64
N GLU A 72 -1.71 -6.12 -6.00
CA GLU A 72 -0.30 -5.99 -5.68
C GLU A 72 0.44 -5.59 -6.95
N ILE A 73 1.10 -4.43 -6.88
CA ILE A 73 1.82 -3.85 -8.00
C ILE A 73 3.31 -4.01 -7.74
N ASP A 74 3.99 -4.69 -8.65
CA ASP A 74 5.39 -5.09 -8.42
CA ASP A 74 5.44 -5.05 -8.41
C ASP A 74 6.34 -3.92 -8.79
N THR A 75 6.35 -2.94 -7.90
CA THR A 75 7.11 -1.74 -8.09
C THR A 75 8.60 -2.02 -7.99
N LYS A 76 9.01 -2.94 -7.12
CA LYS A 76 10.44 -3.11 -6.95
C LYS A 76 11.16 -3.58 -8.21
N SER A 77 10.55 -4.53 -8.91
CA SER A 77 11.10 -4.98 -10.20
C SER A 77 11.19 -3.84 -11.22
N TYR A 78 10.15 -3.01 -11.26
CA TYR A 78 10.15 -1.84 -12.13
C TYR A 78 11.38 -0.93 -11.93
N TRP A 79 11.63 -0.54 -10.70
CA TRP A 79 12.74 0.37 -10.41
C TRP A 79 14.08 -0.30 -10.62
N LYS A 80 14.21 -1.55 -10.22
CA LYS A 80 15.48 -2.21 -10.41
C LYS A 80 15.89 -2.30 -11.87
N ALA A 81 14.91 -2.50 -12.76
CA ALA A 81 15.19 -2.47 -14.19
C ALA A 81 15.69 -1.14 -14.75
N LEU A 82 15.39 -0.08 -14.05
CA LEU A 82 15.81 1.29 -14.34
C LEU A 82 17.09 1.66 -13.62
N GLY A 83 17.70 0.71 -12.92
CA GLY A 83 18.94 0.94 -12.16
C GLY A 83 18.79 1.49 -10.77
N ILE A 84 17.56 1.49 -10.24
CA ILE A 84 17.28 2.13 -8.99
C ILE A 84 16.90 1.04 -7.98
N SER A 85 17.46 1.18 -6.79
CA SER A 85 17.15 0.36 -5.68
C SER A 85 16.13 1.08 -4.84
N PRO A 86 14.83 0.65 -4.94
CA PRO A 86 13.75 1.38 -4.32
C PRO A 86 13.50 0.91 -2.92
N PHE A 87 12.69 1.66 -2.21
CA PHE A 87 12.37 1.36 -0.79
C PHE A 87 11.39 0.15 -0.65
N HIS A 88 10.31 0.20 -1.40
CA HIS A 88 9.22 -0.70 -1.18
C HIS A 88 9.42 -2.01 -1.96
N GLU A 89 8.87 -3.07 -1.38
CA GLU A 89 8.81 -4.36 -2.10
C GLU A 89 7.76 -4.35 -3.23
N HIS A 90 6.64 -3.67 -2.96
CA HIS A 90 5.54 -3.63 -3.86
C HIS A 90 4.63 -2.52 -3.33
N ALA A 91 3.62 -2.19 -4.08
CA ALA A 91 2.51 -1.36 -3.60
C ALA A 91 1.28 -2.22 -3.61
N GLU A 92 0.61 -2.30 -2.48
CA GLU A 92 -0.58 -3.12 -2.31
C GLU A 92 -1.80 -2.21 -2.06
N VAL A 93 -2.87 -2.46 -2.77
CA VAL A 93 -4.12 -1.75 -2.61
C VAL A 93 -5.18 -2.79 -2.25
N VAL A 94 -5.77 -2.64 -1.07
CA VAL A 94 -6.69 -3.62 -0.51
C VAL A 94 -8.02 -2.92 -0.29
N PHE A 95 -9.11 -3.46 -0.84
CA PHE A 95 -10.40 -2.80 -0.80
C PHE A 95 -11.54 -3.80 -0.90
N THR A 96 -12.67 -3.46 -0.29
CA THR A 96 -13.93 -4.19 -0.53
C THR A 96 -14.57 -3.72 -1.81
N ALA A 97 -15.00 -4.61 -2.68
CA ALA A 97 -15.59 -4.33 -3.97
C ALA A 97 -17.02 -4.78 -4.04
N ASN A 98 -17.86 -4.00 -4.73
CA ASN A 98 -19.20 -4.33 -5.09
C ASN A 98 -20.17 -4.49 -3.91
N ASP A 99 -19.83 -3.90 -2.77
CA ASP A 99 -20.61 -3.98 -1.53
C ASP A 99 -21.95 -3.23 -1.65
N SER A 100 -22.01 -2.27 -2.57
CA SER A 100 -23.24 -1.46 -2.79
C SER A 100 -23.78 -1.72 -4.22
N GLY A 101 -23.50 -2.94 -4.70
CA GLY A 101 -23.80 -3.37 -6.07
C GLY A 101 -22.58 -3.20 -6.98
N PRO A 102 -22.70 -3.68 -8.22
CA PRO A 102 -21.53 -3.67 -9.10
C PRO A 102 -21.06 -2.27 -9.37
N ARG A 103 -19.75 -2.11 -9.38
CA ARG A 103 -19.10 -0.88 -9.74
C ARG A 103 -17.94 -1.18 -10.66
N ARG A 104 -17.45 -0.15 -11.38
CA ARG A 104 -16.22 -0.24 -12.14
C ARG A 104 -15.13 0.53 -11.37
N TYR A 105 -13.99 -0.11 -11.22
CA TYR A 105 -12.88 0.41 -10.44
C TYR A 105 -11.65 0.61 -11.24
N THR A 106 -11.08 1.82 -11.14
CA THR A 106 -9.75 2.10 -11.63
C THR A 106 -8.85 2.35 -10.43
N ILE A 107 -7.79 1.55 -10.31
CA ILE A 107 -6.77 1.69 -9.33
C ILE A 107 -5.56 2.37 -10.00
N ALA A 108 -5.26 3.60 -9.56
CA ALA A 108 -4.14 4.35 -10.07
C ALA A 108 -3.03 4.42 -9.07
N ALA A 109 -1.80 4.36 -9.54
CA ALA A 109 -0.63 4.46 -8.68
C ALA A 109 0.43 5.31 -9.39
N LEU A 110 1.03 6.19 -8.61
CA LEU A 110 2.08 7.11 -9.07
C LEU A 110 3.33 6.77 -8.27
N LEU A 111 4.35 6.32 -9.00
CA LEU A 111 5.53 5.73 -8.39
C LEU A 111 6.79 6.62 -8.36
N SER A 112 7.46 6.62 -7.23
CA SER A 112 8.78 7.19 -7.03
C SER A 112 9.64 6.15 -6.32
N PRO A 113 10.97 6.33 -6.32
CA PRO A 113 11.77 5.23 -5.73
C PRO A 113 11.50 4.98 -4.26
N TYR A 114 11.23 6.03 -3.48
CA TYR A 114 10.99 5.92 -2.06
C TYR A 114 9.57 6.25 -1.62
N SER A 115 8.66 6.36 -2.58
CA SER A 115 7.30 6.78 -2.31
C SER A 115 6.36 6.30 -3.37
N TYR A 116 5.10 6.09 -2.98
CA TYR A 116 4.05 6.01 -3.96
C TYR A 116 2.77 6.59 -3.44
N SER A 117 1.93 6.97 -4.41
CA SER A 117 0.58 7.43 -4.12
C SER A 117 -0.38 6.54 -4.90
N THR A 118 -1.54 6.35 -4.32
CA THR A 118 -2.56 5.59 -5.00
C THR A 118 -3.89 6.24 -4.79
N THR A 119 -4.75 6.12 -5.78
CA THR A 119 -6.14 6.57 -5.65
C THR A 119 -7.04 5.58 -6.39
N ALA A 120 -8.32 5.68 -6.13
CA ALA A 120 -9.35 4.91 -6.84
C ALA A 120 -10.32 5.85 -7.50
N VAL A 121 -10.74 5.47 -8.70
CA VAL A 121 -11.84 6.06 -9.42
C VAL A 121 -12.91 5.02 -9.58
N VAL A 122 -14.07 5.24 -8.96
CA VAL A 122 -15.14 4.23 -8.84
C VAL A 122 -16.34 4.80 -9.51
N THR A 123 -16.88 4.11 -10.50
CA THR A 123 -18.04 4.58 -11.26
C THR A 123 -19.14 3.56 -11.24
N ASN A 124 -20.37 3.98 -11.43
CA ASN A 124 -21.57 3.12 -11.39
C ASN A 124 -22.05 2.91 -12.85
N PRO A 125 -21.95 1.65 -13.38
CA PRO A 125 -22.13 1.26 -14.82
C PRO A 125 -23.28 1.95 -15.54
N OCS B 10 16.08 5.15 18.03
CA OCS B 10 14.70 4.70 17.56
CB OCS B 10 13.59 5.72 17.83
SG OCS B 10 12.04 5.11 17.63
C OCS B 10 14.77 4.45 16.06
O OCS B 10 14.91 5.39 15.30
OD1 OCS B 10 10.90 6.20 17.95
OD2 OCS B 10 11.91 4.78 16.23
OD3 OCS B 10 11.89 3.93 18.46
N PRO B 11 14.73 3.19 15.64
CA PRO B 11 15.10 2.99 14.25
C PRO B 11 13.89 2.95 13.33
N LEU B 12 12.68 2.98 13.89
CA LEU B 12 11.45 2.83 13.08
C LEU B 12 10.35 3.64 13.71
N MET B 13 9.95 4.65 12.96
CA MET B 13 8.92 5.61 13.37
C MET B 13 7.89 5.64 12.26
N VAL B 14 6.65 5.96 12.65
CA VAL B 14 5.55 6.12 11.72
C VAL B 14 4.88 7.42 12.01
N LYS B 15 4.55 8.10 10.91
CA LYS B 15 3.82 9.39 11.04
C LYS B 15 2.66 9.37 10.04
N VAL B 16 1.47 9.75 10.52
CA VAL B 16 0.25 9.66 9.74
C VAL B 16 -0.45 11.02 9.79
N LEU B 17 -0.79 11.53 8.61
CA LEU B 17 -1.42 12.82 8.43
C LEU B 17 -2.76 12.67 7.68
N ASP B 18 -3.67 13.60 7.97
CA ASP B 18 -5.04 13.63 7.44
C ASP B 18 -5.19 14.77 6.43
N ALA B 19 -5.39 14.43 5.17
CA ALA B 19 -5.47 15.37 4.05
C ALA B 19 -6.83 16.01 3.90
N VAL B 20 -7.80 15.57 4.68
CA VAL B 20 -9.13 16.16 4.71
C VAL B 20 -9.26 17.28 5.74
N ARG B 21 -8.76 17.03 6.92
CA ARG B 21 -8.80 17.97 8.03
C ARG B 21 -7.55 18.81 8.16
N GLY B 22 -6.48 18.41 7.47
CA GLY B 22 -5.22 19.12 7.59
C GLY B 22 -4.57 19.03 8.95
N SER B 23 -4.45 17.83 9.45
CA SER B 23 -4.05 17.63 10.77
C SER B 23 -3.31 16.30 10.88
N PRO B 24 -2.63 16.09 12.02
CA PRO B 24 -2.21 14.75 12.32
CA PRO B 24 -2.22 14.73 12.30
C PRO B 24 -3.41 13.80 12.34
N ALA B 25 -3.19 12.53 11.95
CA ALA B 25 -4.19 11.50 12.08
C ALA B 25 -3.95 10.83 13.44
N ILE B 26 -4.80 11.16 14.41
CA ILE B 26 -4.66 10.72 15.81
C ILE B 26 -5.39 9.41 16.08
N ASN B 27 -4.79 8.60 16.92
CA ASN B 27 -5.41 7.33 17.36
C ASN B 27 -5.62 6.35 16.24
N VAL B 28 -4.69 6.32 15.27
CA VAL B 28 -4.73 5.36 14.20
C VAL B 28 -3.91 4.15 14.61
N ALA B 29 -4.53 3.00 14.51
CA ALA B 29 -3.81 1.75 14.84
C ALA B 29 -2.84 1.39 13.73
N VAL B 30 -1.66 0.95 14.16
CA VAL B 30 -0.58 0.60 13.29
C VAL B 30 -0.04 -0.73 13.79
N HIS B 31 0.09 -1.69 12.87
CA HIS B 31 0.70 -3.01 13.18
C HIS B 31 1.87 -3.24 12.26
N VAL B 32 2.97 -3.70 12.87
CA VAL B 32 4.16 -4.04 12.14
C VAL B 32 4.33 -5.56 12.24
N PHE B 33 4.76 -6.13 11.12
CA PHE B 33 4.97 -7.56 10.97
C PHE B 33 6.34 -7.76 10.34
N ARG B 34 6.98 -8.88 10.66
N ARG B 34 6.92 -8.90 10.66
CA ARG B 34 8.22 -9.25 10.00
CA ARG B 34 8.16 -9.34 10.06
C ARG B 34 7.97 -10.59 9.29
C ARG B 34 7.84 -10.58 9.24
N LYS B 35 8.45 -10.68 8.06
CA LYS B 35 8.26 -11.88 7.24
C LYS B 35 9.13 -13.03 7.79
N ALA B 36 8.47 -14.13 8.09
CA ALA B 36 9.15 -15.34 8.62
C ALA B 36 9.72 -16.21 7.48
N ALA B 37 10.58 -17.20 7.84
CA ALA B 37 11.24 -18.07 6.87
C ALA B 37 10.25 -18.86 6.02
N ASP B 38 9.06 -19.11 6.57
CA ASP B 38 7.97 -19.77 5.82
C ASP B 38 7.09 -18.83 5.01
N ASP B 39 7.51 -17.56 4.94
CA ASP B 39 6.83 -16.52 4.19
C ASP B 39 5.47 -16.06 4.75
N THR B 40 5.24 -16.37 6.01
CA THR B 40 4.04 -15.81 6.67
C THR B 40 4.48 -14.52 7.34
N TRP B 41 3.51 -13.75 7.76
CA TRP B 41 3.77 -12.52 8.46
C TRP B 41 3.61 -12.73 9.97
N GLU B 42 4.68 -12.52 10.73
CA GLU B 42 4.59 -12.61 12.19
C GLU B 42 4.51 -11.25 12.85
N PRO B 43 3.61 -11.11 13.82
CA PRO B 43 3.52 -9.84 14.54
C PRO B 43 4.81 -9.46 15.15
N PHE B 44 5.10 -8.17 15.09
CA PHE B 44 6.39 -7.65 15.53
C PHE B 44 6.22 -6.51 16.58
N ALA B 45 5.30 -5.57 16.29
CA ALA B 45 5.08 -4.37 17.13
C ALA B 45 3.78 -3.75 16.69
N SER B 46 3.17 -3.01 17.60
CA SER B 46 2.01 -2.21 17.26
C SER B 46 1.82 -1.09 18.25
N GLY B 47 0.95 -0.17 17.84
CA GLY B 47 0.55 0.95 18.70
C GLY B 47 -0.48 1.81 17.99
N LYS B 48 -0.79 2.94 18.62
CA LYS B 48 -1.75 3.92 18.09
C LYS B 48 -1.03 5.24 17.93
N THR B 49 -1.26 5.95 16.81
CA THR B 49 -0.62 7.25 16.70
C THR B 49 -1.05 8.21 17.80
N SER B 50 -0.09 9.08 18.18
CA SER B 50 -0.30 10.10 19.19
C SER B 50 -1.05 11.32 18.67
N GLU B 51 -1.21 12.29 19.55
CA GLU B 51 -1.81 13.58 19.16
C GLU B 51 -1.06 14.26 18.01
N SER B 52 0.23 13.97 17.83
CA SER B 52 1.04 14.55 16.75
C SER B 52 1.05 13.64 15.50
N GLY B 53 0.26 12.57 15.52
CA GLY B 53 0.22 11.62 14.39
C GLY B 53 1.39 10.68 14.31
N GLU B 54 2.16 10.59 15.38
CA GLU B 54 3.43 9.83 15.42
C GLU B 54 3.30 8.62 16.30
N LEU B 55 4.06 7.64 15.92
CA LEU B 55 4.19 6.43 16.72
C LEU B 55 5.66 6.12 16.79
N HIS B 56 6.17 6.22 18.02
CA HIS B 56 7.55 5.98 18.36
C HIS B 56 7.65 4.78 19.27
N GLY B 57 8.85 4.29 19.43
CA GLY B 57 9.14 3.23 20.39
C GLY B 57 8.70 1.82 19.96
N LEU B 58 8.49 1.59 18.68
CA LEU B 58 7.98 0.31 18.21
C LEU B 58 8.99 -0.79 18.42
N THR B 59 10.27 -0.50 18.19
CA THR B 59 11.31 -1.49 18.29
C THR B 59 12.62 -0.88 18.76
N THR B 60 13.66 -1.73 18.83
CA THR B 60 14.96 -1.29 19.19
C THR B 60 15.93 -1.64 18.10
N GLU B 61 17.07 -0.97 18.14
CA GLU B 61 18.17 -1.31 17.20
C GLU B 61 18.55 -2.79 17.21
N GLU B 62 18.62 -3.41 18.39
CA GLU B 62 19.04 -4.81 18.45
C GLU B 62 18.01 -5.70 17.79
N GLU B 63 16.72 -5.41 18.00
CA GLU B 63 15.67 -6.27 17.48
C GLU B 63 15.38 -6.10 16.01
N PHE B 64 15.64 -4.90 15.48
CA PHE B 64 15.25 -4.57 14.13
C PHE B 64 16.34 -4.98 13.15
N VAL B 65 16.51 -6.30 13.02
CA VAL B 65 17.52 -6.87 12.15
C VAL B 65 17.04 -6.79 10.71
N GLU B 66 17.95 -7.03 9.79
CA GLU B 66 17.63 -7.01 8.40
C GLU B 66 16.54 -8.01 8.13
N GLY B 67 15.68 -7.69 7.16
CA GLY B 67 14.56 -8.55 6.76
C GLY B 67 13.48 -7.71 6.13
N ILE B 68 12.39 -8.38 5.78
CA ILE B 68 11.22 -7.75 5.17
C ILE B 68 10.18 -7.49 6.22
N TYR B 69 9.72 -6.26 6.27
CA TYR B 69 8.71 -5.82 7.25
C TYR B 69 7.54 -5.24 6.51
N LYS B 70 6.43 -5.32 7.19
CA LYS B 70 5.17 -4.75 6.74
C LYS B 70 4.61 -3.88 7.83
N VAL B 71 4.25 -2.64 7.45
CA VAL B 71 3.56 -1.71 8.34
C VAL B 71 2.14 -1.55 7.82
N GLU B 72 1.18 -1.99 8.62
CA GLU B 72 -0.20 -1.91 8.23
CA GLU B 72 -0.22 -1.93 8.26
C GLU B 72 -0.86 -0.80 9.08
N ILE B 73 -1.44 0.18 8.41
CA ILE B 73 -2.08 1.33 9.02
C ILE B 73 -3.59 1.17 8.85
N ASP B 74 -4.31 1.17 9.97
CA ASP B 74 -5.75 0.92 9.94
C ASP B 74 -6.54 2.18 9.57
N THR B 75 -6.46 2.49 8.29
CA THR B 75 -7.12 3.64 7.74
C THR B 75 -8.64 3.53 7.74
N LYS B 76 -9.19 2.33 7.59
CA LYS B 76 -10.61 2.20 7.48
C LYS B 76 -11.29 2.62 8.79
N SER B 77 -10.74 2.18 9.92
CA SER B 77 -11.31 2.52 11.20
C SER B 77 -11.23 4.01 11.49
N TYR B 78 -10.18 4.62 10.99
CA TYR B 78 -9.97 6.09 11.15
C TYR B 78 -11.11 6.87 10.45
N TRP B 79 -11.35 6.56 9.18
CA TRP B 79 -12.41 7.21 8.45
C TRP B 79 -13.77 6.90 9.05
N LYS B 80 -13.99 5.65 9.44
CA LYS B 80 -15.25 5.29 10.04
C LYS B 80 -15.56 6.09 11.27
N ALA B 81 -14.53 6.32 12.08
CA ALA B 81 -14.70 7.17 13.24
C ALA B 81 -15.09 8.64 12.98
N LEU B 82 -14.69 9.08 11.77
CA LEU B 82 -15.02 10.39 11.28
C LEU B 82 -16.31 10.47 10.49
N GLY B 83 -17.00 9.34 10.31
CA GLY B 83 -18.21 9.31 9.55
C GLY B 83 -18.05 9.51 8.05
N ILE B 84 -16.91 9.07 7.51
CA ILE B 84 -16.64 9.28 6.13
C ILE B 84 -16.33 7.89 5.45
N SER B 85 -16.97 7.58 4.32
CA SER B 85 -16.82 6.28 3.63
C SER B 85 -15.49 6.17 3.01
N PRO B 86 -14.70 5.16 3.45
CA PRO B 86 -13.38 5.01 2.85
C PRO B 86 -13.36 3.92 1.79
N PHE B 87 -12.33 3.97 0.98
CA PHE B 87 -12.10 2.97 -0.04
C PHE B 87 -11.31 1.75 0.47
N HIS B 88 -10.21 2.01 1.12
CA HIS B 88 -9.24 0.94 1.42
C HIS B 88 -9.57 0.27 2.71
N GLU B 89 -9.19 -1.00 2.82
CA GLU B 89 -9.29 -1.69 4.11
C GLU B 89 -8.20 -1.21 5.08
N HIS B 90 -7.02 -0.86 4.53
CA HIS B 90 -5.88 -0.42 5.27
C HIS B 90 -4.89 0.11 4.27
N ALA B 91 -3.82 0.72 4.76
CA ALA B 91 -2.67 1.05 3.92
C ALA B 91 -1.53 0.17 4.40
N GLU B 92 -0.91 -0.56 3.47
CA GLU B 92 0.20 -1.47 3.77
C GLU B 92 1.51 -0.89 3.14
N VAL B 93 2.57 -0.89 3.94
CA VAL B 93 3.87 -0.46 3.48
C VAL B 93 4.83 -1.61 3.73
N VAL B 94 5.39 -2.17 2.67
CA VAL B 94 6.24 -3.33 2.78
C VAL B 94 7.60 -3.00 2.19
N PHE B 95 8.63 -3.30 2.96
CA PHE B 95 9.99 -2.87 2.62
C PHE B 95 11.02 -3.81 3.24
N THR B 96 12.24 -3.74 2.76
CA THR B 96 13.38 -4.47 3.37
C THR B 96 14.18 -3.49 4.24
N ALA B 97 14.45 -3.87 5.48
CA ALA B 97 15.40 -3.17 6.34
C ALA B 97 16.80 -3.62 6.00
N ASN B 98 17.70 -2.68 5.81
CA ASN B 98 19.05 -2.95 5.32
C ASN B 98 19.97 -2.22 6.18
N ASP B 99 21.07 -2.89 6.50
CA ASP B 99 22.09 -2.37 7.43
C ASP B 99 23.10 -1.48 6.73
N SER B 100 23.19 -1.60 5.40
CA SER B 100 24.11 -0.81 4.59
C SER B 100 23.81 0.67 4.60
N GLY B 101 22.56 1.03 4.81
CA GLY B 101 22.17 2.44 4.63
C GLY B 101 22.00 3.21 5.92
N PRO B 102 21.28 4.32 5.85
CA PRO B 102 21.00 5.06 7.08
C PRO B 102 20.17 4.29 8.14
N ARG B 103 20.31 4.74 9.40
CA ARG B 103 19.87 3.93 10.54
C ARG B 103 18.41 4.10 10.96
N ARG B 104 17.80 5.20 10.57
CA ARG B 104 16.47 5.53 11.07
C ARG B 104 15.52 5.58 9.92
N TYR B 105 14.45 4.78 10.02
CA TYR B 105 13.39 4.79 9.03
C TYR B 105 12.19 5.47 9.63
N THR B 106 11.67 6.45 8.89
CA THR B 106 10.34 7.02 9.14
C THR B 106 9.44 6.73 7.98
N ILE B 107 8.35 6.03 8.29
CA ILE B 107 7.30 5.73 7.35
C ILE B 107 6.20 6.77 7.53
N ALA B 108 5.99 7.58 6.49
CA ALA B 108 4.96 8.60 6.56
C ALA B 108 3.84 8.29 5.61
N ALA B 109 2.61 8.57 6.04
CA ALA B 109 1.43 8.31 5.23
C ALA B 109 0.52 9.53 5.33
N LEU B 110 -0.01 9.93 4.17
CA LEU B 110 -0.94 11.03 4.04
C LEU B 110 -2.25 10.43 3.54
N LEU B 111 -3.29 10.56 4.37
CA LEU B 111 -4.53 9.86 4.15
C LEU B 111 -5.68 10.72 3.62
N SER B 112 -6.37 10.20 2.59
CA SER B 112 -7.63 10.72 2.10
C SER B 112 -8.62 9.52 2.06
N PRO B 113 -9.93 9.79 1.97
CA PRO B 113 -10.85 8.65 1.99
C PRO B 113 -10.65 7.68 0.86
N TYR B 114 -10.36 8.11 -0.35
CA TYR B 114 -10.17 7.25 -1.51
C TYR B 114 -8.74 7.17 -2.02
N SER B 115 -7.80 7.61 -1.20
CA SER B 115 -6.41 7.72 -1.65
C SER B 115 -5.45 7.77 -0.49
N TYR B 116 -4.25 7.25 -0.65
CA TYR B 116 -3.19 7.58 0.27
C TYR B 116 -1.85 7.69 -0.46
N SER B 117 -0.96 8.40 0.17
CA SER B 117 0.40 8.50 -0.32
CA SER B 117 0.40 8.56 -0.31
CA SER B 117 0.40 8.60 -0.29
C SER B 117 1.32 8.16 0.84
N THR B 118 2.42 7.47 0.51
CA THR B 118 3.34 7.11 1.54
C THR B 118 4.75 7.40 1.05
N THR B 119 5.61 7.76 1.96
CA THR B 119 7.04 7.93 1.66
C THR B 119 7.86 7.40 2.80
N ALA B 120 9.13 7.13 2.53
CA ALA B 120 10.10 6.78 3.53
C ALA B 120 11.16 7.89 3.62
N VAL B 121 11.47 8.24 4.86
CA VAL B 121 12.53 9.17 5.18
C VAL B 121 13.55 8.35 5.96
N VAL B 122 14.71 8.15 5.37
CA VAL B 122 15.74 7.24 5.86
C VAL B 122 16.99 8.03 6.12
N THR B 123 17.33 8.17 7.40
CA THR B 123 18.33 9.10 7.89
C THR B 123 19.23 8.50 8.94
N ASN B 124 20.21 9.30 9.34
CA ASN B 124 21.07 9.06 10.51
C ASN B 124 20.81 10.04 11.65
OAA IIH C . -5.72 8.75 -16.36
CLAB IIH C . -2.49 8.33 -7.48
IAC IIH C . -3.41 10.72 -17.03
IAD IIH C . -7.04 7.12 -13.84
CAE IIH C . -0.78 11.85 -8.14
CAF IIH C . -1.22 10.70 -7.51
CAG IIH C . -1.14 12.12 -9.46
CAH IIH C . -3.45 10.36 -14.02
CAI IIH C . -4.81 8.80 -12.78
NAJ IIH C . -2.44 11.27 -11.43
OAK IIH C . -3.24 9.42 -10.41
CAL IIH C . -2.04 9.83 -8.21
CAM IIH C . -5.12 9.06 -15.19
CAN IIH C . -4.08 9.97 -15.20
CAO IIH C . -5.45 8.46 -13.96
CAP IIH C . -3.89 9.72 -12.75
CAQ IIH C . -3.26 10.08 -11.48
CAR IIH C . -1.96 11.22 -10.13
CAS IIH C . -2.43 10.08 -9.50
OAA IIH D . 7.15 15.49 9.60
CLAB IIH D . 2.89 16.09 1.34
IAC IIH D . 8.59 12.81 8.68
IAD IIH D . 4.97 17.67 8.54
CAE IIH D . 3.27 12.15 0.91
CAF IIH D . 2.92 13.47 0.70
CAG IIH D . 3.95 11.78 2.05
CAH IIH D . 6.52 13.49 6.61
CAI IIH D . 5.18 15.49 6.49
NAJ IIH D . 4.93 12.62 4.23
OAK IIH D . 4.30 14.76 3.94
CAL IIH D . 3.24 14.42 1.66
CAM IIH D . 6.58 15.15 8.41
CAN IIH D . 7.06 13.93 7.80
CAO IIH D . 5.69 15.89 7.70
CAP IIH D . 5.58 14.27 5.93
CAQ IIH D . 4.91 13.81 4.72
CAR IIH D . 4.27 12.75 3.01
CAS IIH D . 3.90 14.06 2.82
#